data_9G4M
#
_entry.id   9G4M
#
_cell.length_a   88.896
_cell.length_b   127.245
_cell.length_c   62.206
_cell.angle_alpha   90.000
_cell.angle_beta   90.000
_cell.angle_gamma   90.000
#
_symmetry.space_group_name_H-M   'C 2 2 21'
#
loop_
_entity.id
_entity.type
_entity.pdbx_description
1 polymer 'Monoglyceride lipase'
2 non-polymer 3-[2,2-bis(fluoranyl)-10,12-dimethyl-1$l^{4},3-diaza-2$l^{4}-boratricyclo[7.3.0.0^{3,7}]dodeca-1(12),4,6,8,10-pentaen-4-yl]-~{N}-[2-[2-[[2-[(6-oxidanylidene-7-oxa-2,5-diazaspiro[3.4]octan-2-yl)carbonyl]-2-azaspiro[3.3]heptan-6-yl]methyl]phenoxy]ethyl]propanamide
3 non-polymer 1,2-ETHANEDIOL
4 water water
#
_entity_poly.entity_id   1
_entity_poly.type   'polypeptide(L)'
_entity_poly.pdbx_seq_one_letter_code
;MGSSHHHHHHSSGENLYFQGMPEESSPRRTPQSIPYQDLPHLVNADGQYLFCRYWAPTGTPKALIFVSHGAGEHSGRYEE
LARMLMGLDLLVFAHDHVGHGQSEGERMVVSDFHVFVRDVLQHVDSMQKDYPGLPVFLLGHSMGGAIAILTAAERPGHFA
GMVLISPLVLANPESATTFKVLAAKVLNSVLPNLSSGPIDSSVLSRNKTEVDIYNSDPLICRAGLKVCFGIQLLNAVSRV
ERALPKLTVPFLLLQGSADRLCDSKGAYLLMELAKSQDKTLKIYEGAYHVLHKELPEVTNSVFHEINMWVSQRTATAGTA
SPP
;
_entity_poly.pdbx_strand_id   A
#
loop_
_chem_comp.id
_chem_comp.type
_chem_comp.name
_chem_comp.formula
A1IIH non-polymer 3-[2,2-bis(fluoranyl)-10,12-dimethyl-1$l^{4},3-diaza-2$l^{4}-boratricyclo[7.3.0.0^{3,7}]dodeca-1(12),4,6,8,10-pentaen-4-yl]-~{N}-[2-[2-[[2-[(6-oxidanylidene-7-oxa-2,5-diazaspiro[3.4]octan-2-yl)carbonyl]-2-azaspiro[3.3]heptan-6-yl]methyl]phenoxy]ethyl]propanamide 'C35 H41 B F2 N6 O5'
EDO non-polymer 1,2-ETHANEDIOL 'C2 H6 O2'
#
# COMPACT_ATOMS: atom_id res chain seq x y z
N SER A 26 -10.42 2.23 31.73
CA SER A 26 -10.79 2.57 30.35
C SER A 26 -9.71 2.13 29.36
N PRO A 27 -9.97 1.07 28.63
CA PRO A 27 -8.95 0.52 27.73
C PRO A 27 -8.69 1.43 26.54
N ARG A 28 -7.54 1.19 25.88
CA ARG A 28 -7.25 1.85 24.62
C ARG A 28 -8.24 1.37 23.57
N ARG A 29 -8.83 2.32 22.85
CA ARG A 29 -9.85 2.02 21.85
C ARG A 29 -9.42 2.53 20.47
N THR A 30 -9.96 1.89 19.43
CA THR A 30 -9.79 2.39 18.07
C THR A 30 -10.41 3.79 17.97
N PRO A 31 -10.08 4.55 16.92
CA PRO A 31 -10.79 5.82 16.68
C PRO A 31 -12.30 5.65 16.59
N GLN A 32 -12.79 4.45 16.36
CA GLN A 32 -14.22 4.15 16.32
C GLN A 32 -14.73 3.59 17.64
N SER A 33 -13.92 3.67 18.70
CA SER A 33 -14.31 3.36 20.08
C SER A 33 -14.37 1.88 20.41
N ILE A 34 -13.80 1.00 19.59
CA ILE A 34 -13.75 -0.42 19.92
C ILE A 34 -12.49 -0.70 20.72
N PRO A 35 -12.57 -1.36 21.87
CA PRO A 35 -11.34 -1.69 22.61
C PRO A 35 -10.40 -2.54 21.78
N TYR A 36 -9.13 -2.16 21.75
CA TYR A 36 -8.13 -2.98 21.07
C TYR A 36 -8.04 -4.38 21.66
N GLN A 37 -8.34 -4.54 22.96
CA GLN A 37 -8.34 -5.88 23.53
C GLN A 37 -9.36 -6.79 22.86
N ASP A 38 -10.32 -6.23 22.13
CA ASP A 38 -11.32 -7.02 21.43
C ASP A 38 -10.94 -7.29 19.96
N LEU A 39 -9.76 -6.87 19.51
CA LEU A 39 -9.40 -6.95 18.09
C LEU A 39 -7.96 -7.41 17.93
N PRO A 40 -7.62 -8.04 16.80
CA PRO A 40 -6.21 -8.31 16.52
C PRO A 40 -5.48 -7.00 16.38
N HIS A 41 -4.29 -6.92 16.96
CA HIS A 41 -3.58 -5.65 16.98
C HIS A 41 -2.09 -5.88 17.21
N LEU A 42 -1.34 -4.80 17.07
CA LEU A 42 0.10 -4.78 17.27
C LEU A 42 0.43 -3.38 17.76
N VAL A 43 1.33 -3.26 18.74
CA VAL A 43 1.77 -1.95 19.21
C VAL A 43 3.09 -1.62 18.52
N ASN A 44 3.14 -0.47 17.84
CA ASN A 44 4.34 -0.11 17.09
C ASN A 44 5.40 0.49 18.01
N ALA A 45 6.53 0.87 17.41
CA ALA A 45 7.67 1.39 18.17
C ALA A 45 7.38 2.74 18.82
N ASP A 46 6.37 3.47 18.35
CA ASP A 46 5.94 4.72 18.98
C ASP A 46 4.84 4.51 20.02
N GLY A 47 4.53 3.26 20.36
CA GLY A 47 3.50 2.99 21.34
C GLY A 47 2.09 3.14 20.82
N GLN A 48 1.90 3.15 19.50
CA GLN A 48 0.59 3.28 18.89
C GLN A 48 0.04 1.91 18.51
N TYR A 49 -1.25 1.71 18.75
CA TYR A 49 -1.91 0.47 18.39
C TYR A 49 -2.27 0.46 16.91
N LEU A 50 -1.87 -0.59 16.22
CA LEU A 50 -2.25 -0.83 14.83
C LEU A 50 -3.26 -1.98 14.80
N PHE A 51 -4.36 -1.76 14.10
CA PHE A 51 -5.34 -2.82 13.88
C PHE A 51 -4.82 -3.80 12.83
N CYS A 52 -4.95 -5.10 13.09
CA CYS A 52 -4.41 -6.14 12.22
C CYS A 52 -5.51 -7.04 11.67
N ARG A 53 -5.22 -7.66 10.51
CA ARG A 53 -6.09 -8.63 9.88
C ARG A 53 -5.27 -9.84 9.44
N TYR A 54 -5.89 -11.01 9.51
CA TYR A 54 -5.26 -12.27 9.12
C TYR A 54 -6.25 -13.10 8.34
N TRP A 55 -5.77 -13.70 7.26
CA TRP A 55 -6.54 -14.68 6.51
C TRP A 55 -5.63 -15.89 6.35
N ALA A 56 -5.82 -16.89 7.19
CA ALA A 56 -4.96 -18.06 7.17
C ALA A 56 -5.72 -19.25 6.61
N PRO A 57 -5.05 -20.13 5.86
CA PRO A 57 -5.73 -21.30 5.32
C PRO A 57 -5.93 -22.36 6.39
N THR A 58 -6.80 -23.33 6.09
CA THR A 58 -7.01 -24.44 7.00
C THR A 58 -5.83 -25.40 6.99
N GLY A 59 -5.19 -25.58 5.84
CA GLY A 59 -3.99 -26.39 5.74
C GLY A 59 -2.75 -25.62 6.17
N THR A 60 -1.61 -26.27 5.96
CA THR A 60 -0.33 -25.66 6.32
C THR A 60 0.00 -24.59 5.29
N PRO A 61 0.41 -23.39 5.70
CA PRO A 61 0.68 -22.32 4.73
C PRO A 61 1.92 -22.62 3.91
N LYS A 62 1.86 -22.25 2.63
CA LYS A 62 3.01 -22.37 1.74
C LYS A 62 3.88 -21.12 1.74
N ALA A 63 3.32 -19.98 2.12
CA ALA A 63 4.05 -18.71 2.15
C ALA A 63 3.25 -17.73 2.99
N LEU A 64 3.90 -16.63 3.33
CA LEU A 64 3.25 -15.50 3.97
C LEU A 64 3.18 -14.36 2.97
N ILE A 65 2.15 -13.53 3.08
CA ILE A 65 2.07 -12.35 2.24
C ILE A 65 1.45 -11.19 3.03
N PHE A 66 2.19 -10.09 3.12
CA PHE A 66 1.70 -8.87 3.74
C PHE A 66 1.05 -7.97 2.71
N VAL A 67 -0.16 -7.50 3.02
CA VAL A 67 -0.92 -6.61 2.15
C VAL A 67 -0.86 -5.20 2.72
N SER A 68 -0.40 -4.26 1.89
CA SER A 68 -0.11 -2.88 2.28
C SER A 68 -1.08 -1.95 1.56
N HIS A 69 -2.06 -1.42 2.31
CA HIS A 69 -3.05 -0.53 1.72
C HIS A 69 -2.46 0.87 1.51
N GLY A 70 -3.23 1.72 0.81
CA GLY A 70 -2.77 3.04 0.46
C GLY A 70 -3.37 4.16 1.31
N ALA A 71 -3.09 5.39 0.86
CA ALA A 71 -3.51 6.59 1.58
C ALA A 71 -5.02 6.67 1.63
N GLY A 72 -5.53 7.10 2.79
CA GLY A 72 -6.95 7.32 2.99
C GLY A 72 -7.75 6.08 3.28
N GLU A 73 -7.32 4.92 2.76
CA GLU A 73 -8.12 3.71 2.89
C GLU A 73 -7.64 2.85 4.05
N HIS A 74 -7.85 1.54 3.98
CA HIS A 74 -7.59 0.65 5.10
C HIS A 74 -7.56 -0.78 4.59
N SER A 75 -7.14 -1.69 5.48
CA SER A 75 -6.89 -3.08 5.08
C SER A 75 -8.15 -3.85 4.73
N GLY A 76 -9.33 -3.41 5.20
CA GLY A 76 -10.54 -4.14 4.89
C GLY A 76 -10.92 -4.08 3.43
N ARG A 77 -10.34 -3.16 2.68
CA ARG A 77 -10.60 -3.08 1.26
C ARG A 77 -9.91 -4.18 0.46
N TYR A 78 -9.11 -5.02 1.12
CA TYR A 78 -8.37 -6.09 0.45
C TYR A 78 -8.96 -7.47 0.72
N GLU A 79 -10.19 -7.51 1.22
CA GLU A 79 -10.83 -8.77 1.59
C GLU A 79 -10.83 -9.78 0.44
N GLU A 80 -11.28 -9.36 -0.74
CA GLU A 80 -11.41 -10.29 -1.86
C GLU A 80 -10.05 -10.78 -2.34
N LEU A 81 -9.08 -9.87 -2.49
CA LEU A 81 -7.74 -10.29 -2.88
C LEU A 81 -7.16 -11.24 -1.85
N ALA A 82 -7.34 -10.94 -0.57
CA ALA A 82 -6.78 -11.77 0.49
C ALA A 82 -7.40 -13.15 0.48
N ARG A 83 -8.71 -13.23 0.24
CA ARG A 83 -9.36 -14.54 0.21
C ARG A 83 -8.89 -15.37 -0.98
N MET A 84 -8.62 -14.72 -2.12
CA MET A 84 -8.04 -15.44 -3.25
CA MET A 84 -8.04 -15.45 -3.24
C MET A 84 -6.66 -15.98 -2.89
N LEU A 85 -5.83 -15.16 -2.28
CA LEU A 85 -4.47 -15.58 -1.93
C LEU A 85 -4.50 -16.68 -0.86
N MET A 86 -5.40 -16.56 0.11
CA MET A 86 -5.53 -17.62 1.10
CA MET A 86 -5.57 -17.62 1.11
C MET A 86 -5.97 -18.92 0.45
N GLY A 87 -6.77 -18.85 -0.61
CA GLY A 87 -7.16 -20.04 -1.35
C GLY A 87 -6.00 -20.73 -2.04
N LEU A 88 -4.88 -20.03 -2.24
CA LEU A 88 -3.64 -20.63 -2.72
C LEU A 88 -2.81 -21.20 -1.58
N ASP A 89 -3.36 -21.22 -0.36
CA ASP A 89 -2.66 -21.70 0.83
C ASP A 89 -1.54 -20.76 1.27
N LEU A 90 -1.69 -19.47 1.00
CA LEU A 90 -0.86 -18.45 1.61
C LEU A 90 -1.54 -17.91 2.84
N LEU A 91 -0.76 -17.57 3.85
CA LEU A 91 -1.25 -16.87 5.02
C LEU A 91 -1.11 -15.38 4.74
N VAL A 92 -2.25 -14.71 4.62
CA VAL A 92 -2.29 -13.29 4.27
C VAL A 92 -2.43 -12.51 5.57
N PHE A 93 -1.68 -11.42 5.69
CA PHE A 93 -1.80 -10.59 6.88
C PHE A 93 -1.63 -9.12 6.48
N ALA A 94 -2.16 -8.25 7.33
CA ALA A 94 -2.17 -6.82 7.04
C ALA A 94 -2.35 -6.07 8.34
N HIS A 95 -2.07 -4.78 8.29
CA HIS A 95 -2.53 -3.87 9.33
C HIS A 95 -2.92 -2.55 8.69
N ASP A 96 -3.72 -1.78 9.43
CA ASP A 96 -4.01 -0.42 9.01
C ASP A 96 -2.81 0.45 9.40
N HIS A 97 -2.26 1.15 8.42
CA HIS A 97 -1.13 2.02 8.70
C HIS A 97 -1.53 3.07 9.74
N VAL A 98 -0.53 3.59 10.45
CA VAL A 98 -0.82 4.61 11.44
CA VAL A 98 -0.77 4.65 11.42
C VAL A 98 -1.61 5.74 10.79
N GLY A 99 -2.57 6.28 11.54
CA GLY A 99 -3.42 7.34 11.02
C GLY A 99 -4.50 6.89 10.07
N HIS A 100 -4.70 5.59 9.90
CA HIS A 100 -5.67 5.07 8.94
C HIS A 100 -6.57 4.04 9.59
N GLY A 101 -7.78 3.93 9.06
CA GLY A 101 -8.69 2.85 9.41
C GLY A 101 -8.94 2.74 10.90
N GLN A 102 -8.68 1.56 11.44
CA GLN A 102 -8.93 1.26 12.85
C GLN A 102 -7.67 1.37 13.69
N SER A 103 -6.58 1.86 13.13
CA SER A 103 -5.36 2.07 13.89
C SER A 103 -5.36 3.45 14.52
N GLU A 104 -4.47 3.63 15.49
CA GLU A 104 -4.38 4.90 16.18
C GLU A 104 -3.66 5.93 15.31
N GLY A 105 -3.67 7.17 15.78
CA GLY A 105 -2.92 8.24 15.15
C GLY A 105 -3.86 9.29 14.57
N GLU A 106 -3.45 10.55 14.65
CA GLU A 106 -4.20 11.60 13.99
C GLU A 106 -4.38 11.23 12.51
N ARG A 107 -5.59 11.46 12.00
CA ARG A 107 -5.95 10.92 10.69
C ARG A 107 -5.07 11.51 9.60
N MET A 108 -4.53 10.62 8.76
CA MET A 108 -3.75 10.99 7.58
C MET A 108 -2.64 11.99 7.90
N VAL A 109 -1.94 11.77 9.00
N VAL A 109 -1.92 11.70 9.00
CA VAL A 109 -0.65 12.43 9.22
CA VAL A 109 -0.73 12.41 9.46
C VAL A 109 0.32 11.38 9.70
C VAL A 109 0.33 11.34 9.72
N VAL A 110 1.60 11.64 9.45
CA VAL A 110 2.67 10.74 9.83
C VAL A 110 3.92 11.58 10.06
N SER A 111 4.64 11.28 11.16
CA SER A 111 5.81 12.09 11.50
C SER A 111 6.85 12.03 10.41
N ASP A 112 7.03 10.85 9.82
CA ASP A 112 7.91 10.67 8.68
C ASP A 112 7.45 9.41 7.96
N PHE A 113 7.55 9.42 6.63
CA PHE A 113 7.05 8.29 5.85
C PHE A 113 7.66 6.96 6.30
N HIS A 114 8.90 6.98 6.80
CA HIS A 114 9.54 5.73 7.20
C HIS A 114 8.81 5.01 8.33
N VAL A 115 7.99 5.72 9.11
CA VAL A 115 7.15 5.07 10.12
C VAL A 115 6.38 3.91 9.49
N PHE A 116 5.80 4.14 8.31
CA PHE A 116 5.01 3.11 7.67
C PHE A 116 5.85 1.88 7.37
N VAL A 117 7.07 2.10 6.87
CA VAL A 117 7.96 1.00 6.50
C VAL A 117 8.43 0.27 7.76
N ARG A 118 8.84 1.02 8.77
CA ARG A 118 9.23 0.43 10.05
C ARG A 118 8.14 -0.49 10.59
N ASP A 119 6.89 -0.02 10.53
CA ASP A 119 5.79 -0.80 11.11
C ASP A 119 5.49 -2.05 10.28
N VAL A 120 5.60 -1.97 8.95
CA VAL A 120 5.47 -3.17 8.13
C VAL A 120 6.55 -4.18 8.52
N LEU A 121 7.78 -3.71 8.66
CA LEU A 121 8.88 -4.61 8.99
C LEU A 121 8.67 -5.27 10.36
N GLN A 122 8.15 -4.51 11.32
CA GLN A 122 7.87 -5.09 12.63
C GLN A 122 6.87 -6.24 12.49
N HIS A 123 5.81 -6.02 11.72
CA HIS A 123 4.77 -7.04 11.60
C HIS A 123 5.29 -8.24 10.82
N VAL A 124 6.02 -7.99 9.73
CA VAL A 124 6.63 -9.08 8.96
C VAL A 124 7.57 -9.89 9.85
N ASP A 125 8.43 -9.20 10.61
CA ASP A 125 9.37 -9.92 11.47
C ASP A 125 8.65 -10.75 12.52
N SER A 126 7.56 -10.21 13.06
CA SER A 126 6.78 -10.95 14.05
CA SER A 126 6.79 -10.96 14.04
C SER A 126 6.16 -12.21 13.43
N MET A 127 5.60 -12.08 12.22
CA MET A 127 4.99 -13.24 11.58
C MET A 127 6.04 -14.26 11.13
N GLN A 128 7.21 -13.78 10.68
CA GLN A 128 8.28 -14.70 10.30
C GLN A 128 8.72 -15.57 11.47
N LYS A 129 8.70 -15.03 12.68
CA LYS A 129 9.00 -15.82 13.87
C LYS A 129 7.97 -16.90 14.10
N ASP A 130 6.69 -16.55 13.95
CA ASP A 130 5.61 -17.50 14.21
C ASP A 130 5.55 -18.59 13.14
N TYR A 131 5.98 -18.28 11.91
CA TYR A 131 5.91 -19.23 10.80
C TYR A 131 7.28 -19.30 10.14
N PRO A 132 8.28 -19.83 10.83
CA PRO A 132 9.64 -19.82 10.29
C PRO A 132 9.75 -20.74 9.08
N GLY A 133 10.73 -20.41 8.24
CA GLY A 133 10.98 -21.16 7.02
C GLY A 133 10.13 -20.76 5.83
N LEU A 134 8.99 -20.08 6.06
CA LEU A 134 8.11 -19.75 4.94
C LEU A 134 8.62 -18.53 4.19
N PRO A 135 8.54 -18.54 2.85
CA PRO A 135 8.84 -17.32 2.10
C PRO A 135 7.79 -16.27 2.36
N VAL A 136 8.19 -15.01 2.21
CA VAL A 136 7.31 -13.88 2.50
CA VAL A 136 7.34 -13.86 2.51
C VAL A 136 7.23 -12.99 1.26
N PHE A 137 6.01 -12.68 0.87
CA PHE A 137 5.71 -11.79 -0.24
C PHE A 137 5.12 -10.50 0.30
N LEU A 138 5.20 -9.45 -0.51
CA LEU A 138 4.56 -8.18 -0.23
C LEU A 138 3.59 -7.87 -1.35
N LEU A 139 2.45 -7.26 -1.01
CA LEU A 139 1.53 -6.75 -2.01
C LEU A 139 1.12 -5.36 -1.57
N GLY A 140 1.21 -4.38 -2.45
CA GLY A 140 0.91 -3.00 -2.09
C GLY A 140 0.28 -2.27 -3.24
N HIS A 141 -0.66 -1.37 -2.92
CA HIS A 141 -1.31 -0.52 -3.90
C HIS A 141 -1.00 0.93 -3.56
N SER A 142 -0.59 1.70 -4.58
CA SER A 142 -0.50 3.15 -4.48
C SER A 142 0.50 3.54 -3.39
N MET A 143 0.11 4.34 -2.39
CA MET A 143 1.05 4.63 -1.30
C MET A 143 1.55 3.33 -0.67
N GLY A 144 0.67 2.33 -0.55
CA GLY A 144 1.08 1.04 -0.01
C GLY A 144 2.09 0.32 -0.87
N GLY A 145 2.10 0.61 -2.18
CA GLY A 145 3.12 0.05 -3.05
C GLY A 145 4.47 0.73 -2.87
N ALA A 146 4.46 2.05 -2.62
CA ALA A 146 5.70 2.72 -2.25
C ALA A 146 6.24 2.15 -0.93
N ILE A 147 5.36 1.94 0.04
CA ILE A 147 5.77 1.30 1.29
C ILE A 147 6.39 -0.07 1.02
N ALA A 148 5.77 -0.87 0.14
CA ALA A 148 6.30 -2.20 -0.17
C ALA A 148 7.67 -2.10 -0.82
N ILE A 149 7.84 -1.20 -1.80
CA ILE A 149 9.15 -1.01 -2.43
C ILE A 149 10.21 -0.70 -1.37
N LEU A 150 9.91 0.26 -0.49
CA LEU A 150 10.89 0.67 0.50
C LEU A 150 11.15 -0.43 1.52
N THR A 151 10.13 -1.23 1.82
CA THR A 151 10.31 -2.37 2.73
C THR A 151 11.24 -3.40 2.12
N ALA A 152 11.02 -3.76 0.85
CA ALA A 152 11.89 -4.72 0.18
C ALA A 152 13.30 -4.18 0.02
N ALA A 153 13.44 -2.88 -0.25
CA ALA A 153 14.77 -2.30 -0.41
C ALA A 153 15.58 -2.35 0.88
N GLU A 154 14.91 -2.33 2.03
CA GLU A 154 15.62 -2.44 3.31
C GLU A 154 16.10 -3.85 3.57
N ARG A 155 15.52 -4.85 2.91
CA ARG A 155 15.83 -6.25 3.18
C ARG A 155 16.14 -6.97 1.86
N PRO A 156 17.21 -6.57 1.16
CA PRO A 156 17.54 -7.24 -0.09
C PRO A 156 17.79 -8.72 0.14
N GLY A 157 17.18 -9.54 -0.72
CA GLY A 157 17.32 -10.98 -0.64
C GLY A 157 16.35 -11.69 0.28
N HIS A 158 15.58 -10.96 1.09
CA HIS A 158 14.77 -11.60 2.11
C HIS A 158 13.31 -11.82 1.73
N PHE A 159 12.80 -11.08 0.76
CA PHE A 159 11.43 -11.27 0.31
C PHE A 159 11.44 -12.11 -0.96
N ALA A 160 10.43 -12.97 -1.09
CA ALA A 160 10.31 -13.85 -2.23
C ALA A 160 9.73 -13.14 -3.44
N GLY A 161 8.98 -12.07 -3.22
CA GLY A 161 8.36 -11.38 -4.34
C GLY A 161 7.50 -10.24 -3.84
N MET A 162 7.17 -9.36 -4.77
CA MET A 162 6.37 -8.19 -4.47
CA MET A 162 6.38 -8.16 -4.49
C MET A 162 5.37 -8.01 -5.61
N VAL A 163 4.11 -7.80 -5.25
CA VAL A 163 3.05 -7.50 -6.20
C VAL A 163 2.69 -6.04 -6.00
N LEU A 164 2.80 -5.23 -7.06
CA LEU A 164 2.55 -3.80 -6.98
C LEU A 164 1.39 -3.43 -7.89
N ILE A 165 0.35 -2.83 -7.32
CA ILE A 165 -0.80 -2.37 -8.06
C ILE A 165 -0.73 -0.85 -8.06
N SER A 166 -0.43 -0.25 -9.21
CA SER A 166 -0.28 1.19 -9.38
CA SER A 166 -0.29 1.19 -9.38
C SER A 166 0.47 1.81 -8.20
N PRO A 167 1.71 1.37 -7.94
CA PRO A 167 2.46 1.91 -6.81
C PRO A 167 2.79 3.37 -7.04
N LEU A 168 2.92 4.10 -5.93
CA LEU A 168 3.37 5.49 -5.97
C LEU A 168 4.87 5.53 -6.27
N VAL A 169 5.22 5.63 -7.55
CA VAL A 169 6.60 5.86 -7.98
C VAL A 169 6.79 7.29 -8.48
N LEU A 170 5.88 7.75 -9.32
CA LEU A 170 5.80 9.15 -9.71
C LEU A 170 4.38 9.60 -9.48
N ALA A 171 4.23 10.72 -8.78
CA ALA A 171 2.90 11.26 -8.57
C ALA A 171 2.36 11.83 -9.86
N ASN A 172 1.04 11.81 -10.00
CA ASN A 172 0.39 12.58 -11.03
C ASN A 172 0.98 13.98 -11.08
N PRO A 173 1.44 14.46 -12.23
CA PRO A 173 2.19 15.73 -12.25
C PRO A 173 1.41 16.94 -11.75
N GLU A 174 0.11 17.04 -12.07
CA GLU A 174 -0.68 18.14 -11.52
C GLU A 174 -0.68 18.11 -9.99
N SER A 175 -0.88 16.92 -9.40
CA SER A 175 -0.84 16.80 -7.95
C SER A 175 0.53 17.16 -7.40
N ALA A 176 1.60 16.71 -8.07
CA ALA A 176 2.95 16.99 -7.60
C ALA A 176 3.23 18.49 -7.60
N THR A 177 2.84 19.18 -8.68
CA THR A 177 3.06 20.62 -8.75
C THR A 177 2.24 21.36 -7.70
N THR A 178 0.98 20.96 -7.50
CA THR A 178 0.14 21.59 -6.48
C THR A 178 0.80 21.51 -5.12
N PHE A 179 1.23 20.32 -4.71
CA PHE A 179 1.78 20.17 -3.38
C PHE A 179 3.21 20.69 -3.27
N LYS A 180 3.99 20.64 -4.36
CA LYS A 180 5.32 21.24 -4.30
C LYS A 180 5.24 22.73 -4.03
N VAL A 181 4.26 23.41 -4.65
CA VAL A 181 4.08 24.84 -4.40
C VAL A 181 3.60 25.08 -2.98
N LEU A 182 2.60 24.32 -2.55
CA LEU A 182 2.11 24.45 -1.18
C LEU A 182 3.18 24.06 -0.17
N ALA A 183 4.00 23.05 -0.50
CA ALA A 183 5.07 22.65 0.41
C ALA A 183 6.02 23.80 0.68
N ALA A 184 6.16 24.72 -0.29
CA ALA A 184 6.99 25.90 -0.08
C ALA A 184 6.46 26.76 1.05
N LYS A 185 5.13 26.89 1.13
CA LYS A 185 4.52 27.63 2.24
C LYS A 185 4.77 26.91 3.56
N VAL A 186 4.47 25.61 3.61
CA VAL A 186 4.48 24.88 4.87
C VAL A 186 5.90 24.63 5.36
N LEU A 187 6.86 24.42 4.46
CA LEU A 187 8.23 24.19 4.90
C LEU A 187 8.96 25.46 5.33
N ASN A 188 8.45 26.63 4.98
CA ASN A 188 9.08 27.90 5.36
C ASN A 188 8.30 28.69 6.39
N SER A 189 7.06 28.32 6.68
CA SER A 189 6.28 28.93 7.74
C SER A 189 5.80 27.82 8.66
N VAL A 190 5.11 28.22 9.72
CA VAL A 190 4.48 27.28 10.63
C VAL A 190 3.00 27.29 10.29
N LEU A 191 2.59 26.33 9.46
CA LEU A 191 1.20 26.19 9.00
C LEU A 191 0.80 24.73 9.11
N PRO A 192 0.65 24.22 10.33
CA PRO A 192 0.50 22.76 10.51
C PRO A 192 -0.75 22.17 9.89
N ASN A 193 -1.83 22.94 9.73
CA ASN A 193 -3.10 22.41 9.28
C ASN A 193 -3.44 22.80 7.85
N LEU A 194 -2.51 23.40 7.11
CA LEU A 194 -2.81 23.78 5.75
C LEU A 194 -3.14 22.53 4.93
N SER A 195 -4.23 22.59 4.18
CA SER A 195 -4.72 21.47 3.41
C SER A 195 -4.88 21.85 1.95
N SER A 196 -4.88 20.83 1.10
CA SER A 196 -5.26 21.01 -0.29
C SER A 196 -6.51 20.18 -0.54
N GLY A 197 -6.82 19.89 -1.79
CA GLY A 197 -8.00 19.13 -2.11
C GLY A 197 -7.86 17.69 -1.67
N PRO A 198 -8.97 16.95 -1.68
N PRO A 198 -8.97 16.95 -1.68
CA PRO A 198 -8.91 15.53 -1.34
CA PRO A 198 -8.91 15.53 -1.34
C PRO A 198 -8.37 14.72 -2.52
C PRO A 198 -8.37 14.72 -2.52
N ILE A 199 -8.07 13.45 -2.23
CA ILE A 199 -7.83 12.51 -3.31
C ILE A 199 -9.14 12.37 -4.09
N ASP A 200 -9.11 12.67 -5.38
CA ASP A 200 -10.35 12.71 -6.16
C ASP A 200 -10.88 11.31 -6.37
N SER A 201 -12.12 11.07 -5.94
CA SER A 201 -12.67 9.72 -6.02
CA SER A 201 -12.69 9.73 -6.02
C SER A 201 -13.02 9.33 -7.46
N SER A 202 -13.41 10.29 -8.29
CA SER A 202 -13.84 9.95 -9.65
C SER A 202 -12.71 9.38 -10.49
N VAL A 203 -11.44 9.68 -10.17
CA VAL A 203 -10.33 9.11 -10.94
C VAL A 203 -9.85 7.78 -10.35
N LEU A 204 -10.49 7.28 -9.30
CA LEU A 204 -10.04 6.02 -8.72
C LEU A 204 -10.34 4.84 -9.64
N SER A 205 -11.49 4.88 -10.31
CA SER A 205 -11.94 3.71 -11.06
C SER A 205 -13.01 4.12 -12.05
N ARG A 206 -13.01 3.47 -13.21
CA ARG A 206 -14.12 3.64 -14.13
C ARG A 206 -15.37 2.91 -13.65
N ASN A 207 -15.23 2.03 -12.67
CA ASN A 207 -16.36 1.32 -12.09
C ASN A 207 -17.05 2.27 -11.11
N LYS A 208 -18.22 2.79 -11.52
CA LYS A 208 -18.90 3.78 -10.69
C LYS A 208 -19.34 3.20 -9.35
N THR A 209 -19.67 1.91 -9.32
CA THR A 209 -20.07 1.30 -8.06
C THR A 209 -18.91 1.30 -7.07
N GLU A 210 -17.69 1.04 -7.55
CA GLU A 210 -16.53 1.10 -6.67
C GLU A 210 -16.25 2.52 -6.20
N VAL A 211 -16.47 3.52 -7.06
CA VAL A 211 -16.33 4.90 -6.61
C VAL A 211 -17.34 5.20 -5.51
N ASP A 212 -18.59 4.77 -5.70
CA ASP A 212 -19.62 4.98 -4.69
C ASP A 212 -19.30 4.26 -3.39
N ILE A 213 -18.75 3.05 -3.48
CA ILE A 213 -18.37 2.31 -2.27
C ILE A 213 -17.28 3.06 -1.53
N TYR A 214 -16.26 3.54 -2.25
CA TYR A 214 -15.20 4.33 -1.63
C TYR A 214 -15.80 5.53 -0.91
N ASN A 215 -16.77 6.20 -1.52
CA ASN A 215 -17.35 7.39 -0.92
C ASN A 215 -18.33 7.08 0.21
N SER A 216 -18.65 5.80 0.43
CA SER A 216 -19.60 5.38 1.45
C SER A 216 -18.94 4.76 2.67
N ASP A 217 -17.67 4.41 2.60
CA ASP A 217 -17.00 3.63 3.62
C ASP A 217 -16.57 4.55 4.77
N PRO A 218 -17.17 4.41 5.95
CA PRO A 218 -16.81 5.31 7.07
C PRO A 218 -15.39 5.12 7.59
N LEU A 219 -14.68 4.06 7.19
CA LEU A 219 -13.29 3.89 7.58
C LEU A 219 -12.32 4.52 6.60
N ILE A 220 -12.82 5.16 5.54
CA ILE A 220 -12.00 5.87 4.58
C ILE A 220 -12.01 7.35 4.93
N CYS A 221 -10.83 7.94 4.99
CA CYS A 221 -10.71 9.38 5.19
C CYS A 221 -10.70 10.06 3.83
N ARG A 222 -11.70 10.91 3.59
CA ARG A 222 -11.83 11.59 2.31
C ARG A 222 -11.67 13.11 2.44
N ALA A 223 -11.06 13.57 3.52
CA ALA A 223 -10.86 15.00 3.71
C ALA A 223 -9.79 15.50 2.75
N GLY A 224 -9.71 16.82 2.64
CA GLY A 224 -8.59 17.41 1.90
C GLY A 224 -7.27 16.94 2.47
N LEU A 225 -6.31 16.72 1.59
CA LEU A 225 -5.01 16.23 2.03
C LEU A 225 -4.27 17.34 2.78
N LYS A 226 -3.80 17.01 3.98
CA LYS A 226 -2.94 17.94 4.69
C LYS A 226 -1.65 18.10 3.89
N VAL A 227 -1.17 19.34 3.79
CA VAL A 227 0.07 19.58 3.05
C VAL A 227 1.23 18.79 3.67
N CYS A 228 1.26 18.67 4.99
CA CYS A 228 2.32 17.90 5.64
CA CYS A 228 2.34 17.90 5.60
C CYS A 228 2.28 16.44 5.19
N PHE A 229 1.08 15.88 5.00
CA PHE A 229 0.98 14.51 4.55
C PHE A 229 1.38 14.38 3.09
N GLY A 230 0.94 15.32 2.26
CA GLY A 230 1.39 15.34 0.87
C GLY A 230 2.90 15.45 0.76
N ILE A 231 3.53 16.21 1.67
CA ILE A 231 4.98 16.28 1.71
C ILE A 231 5.59 14.91 1.97
N GLN A 232 4.99 14.14 2.88
CA GLN A 232 5.48 12.78 3.11
C GLN A 232 5.27 11.88 1.90
N LEU A 233 4.18 12.08 1.15
CA LEU A 233 4.04 11.35 -0.12
C LEU A 233 5.14 11.73 -1.10
N LEU A 234 5.51 13.01 -1.15
CA LEU A 234 6.64 13.42 -1.99
C LEU A 234 7.95 12.85 -1.45
N ASN A 235 8.10 12.78 -0.13
CA ASN A 235 9.25 12.09 0.45
C ASN A 235 9.29 10.63 0.00
N ALA A 236 8.13 9.98 -0.03
CA ALA A 236 8.06 8.60 -0.50
C ALA A 236 8.57 8.49 -1.93
N VAL A 237 8.16 9.40 -2.81
CA VAL A 237 8.62 9.37 -4.20
C VAL A 237 10.14 9.51 -4.27
N SER A 238 10.68 10.46 -3.49
CA SER A 238 12.12 10.67 -3.50
CA SER A 238 12.12 10.67 -3.50
C SER A 238 12.87 9.44 -2.99
N ARG A 239 12.37 8.83 -1.92
CA ARG A 239 13.04 7.66 -1.35
C ARG A 239 12.90 6.45 -2.26
N VAL A 240 11.76 6.30 -2.94
CA VAL A 240 11.63 5.20 -3.90
C VAL A 240 12.67 5.34 -5.00
N GLU A 241 12.88 6.57 -5.50
CA GLU A 241 13.88 6.76 -6.55
C GLU A 241 15.25 6.33 -6.08
N ARG A 242 15.62 6.70 -4.85
CA ARG A 242 16.93 6.31 -4.33
C ARG A 242 17.02 4.83 -4.05
N ALA A 243 15.87 4.17 -3.83
CA ALA A 243 15.88 2.76 -3.45
C ALA A 243 16.01 1.84 -4.66
N LEU A 244 15.62 2.29 -5.85
CA LEU A 244 15.56 1.41 -7.01
C LEU A 244 16.87 0.70 -7.31
N PRO A 245 18.04 1.34 -7.26
CA PRO A 245 19.29 0.59 -7.48
C PRO A 245 19.53 -0.52 -6.47
N LYS A 246 18.86 -0.49 -5.32
CA LYS A 246 18.98 -1.53 -4.31
C LYS A 246 17.90 -2.58 -4.42
N LEU A 247 16.92 -2.39 -5.31
CA LEU A 247 15.75 -3.25 -5.35
C LEU A 247 16.06 -4.45 -6.24
N THR A 248 16.09 -5.64 -5.64
CA THR A 248 16.38 -6.86 -6.37
C THR A 248 15.27 -7.89 -6.27
N VAL A 249 14.25 -7.62 -5.47
CA VAL A 249 13.18 -8.59 -5.22
C VAL A 249 12.43 -8.85 -6.52
N PRO A 250 12.00 -10.09 -6.79
CA PRO A 250 11.10 -10.31 -7.93
C PRO A 250 9.84 -9.48 -7.75
N PHE A 251 9.32 -8.94 -8.85
CA PHE A 251 8.06 -8.21 -8.75
C PHE A 251 7.19 -8.32 -9.99
N LEU A 252 5.89 -8.24 -9.74
CA LEU A 252 4.86 -8.06 -10.74
C LEU A 252 4.29 -6.66 -10.55
N LEU A 253 4.23 -5.90 -11.64
CA LEU A 253 3.81 -4.51 -11.61
C LEU A 253 2.61 -4.35 -12.53
N LEU A 254 1.49 -3.88 -11.97
CA LEU A 254 0.25 -3.69 -12.71
C LEU A 254 -0.09 -2.21 -12.71
N GLN A 255 -0.38 -1.65 -13.90
CA GLN A 255 -0.52 -0.21 -14.03
C GLN A 255 -1.57 0.12 -15.09
N GLY A 256 -2.47 1.03 -14.77
CA GLY A 256 -3.45 1.51 -15.74
C GLY A 256 -2.89 2.67 -16.55
N SER A 257 -3.26 2.72 -17.83
CA SER A 257 -2.70 3.76 -18.70
C SER A 257 -3.33 5.12 -18.46
N ALA A 258 -4.49 5.19 -17.82
CA ALA A 258 -5.20 6.44 -17.58
C ALA A 258 -5.24 6.79 -16.09
N ASP A 259 -4.16 6.45 -15.39
CA ASP A 259 -4.08 6.65 -13.95
C ASP A 259 -3.71 8.11 -13.69
N ARG A 260 -4.64 8.86 -13.07
CA ARG A 260 -4.44 10.26 -12.75
C ARG A 260 -3.96 10.47 -11.33
N LEU A 261 -3.54 9.41 -10.65
CA LEU A 261 -3.01 9.51 -9.29
C LEU A 261 -1.55 9.10 -9.22
N CYS A 262 -1.22 7.91 -9.71
CA CYS A 262 0.16 7.49 -9.90
C CYS A 262 0.44 7.49 -11.39
N ASP A 263 1.34 8.37 -11.82
CA ASP A 263 1.69 8.55 -13.23
C ASP A 263 2.25 7.23 -13.77
N SER A 264 1.73 6.79 -14.92
CA SER A 264 2.21 5.53 -15.48
C SER A 264 3.70 5.59 -15.83
N LYS A 265 4.22 6.79 -16.07
CA LYS A 265 5.66 6.96 -16.26
C LYS A 265 6.46 6.36 -15.11
N GLY A 266 5.93 6.42 -13.88
CA GLY A 266 6.64 5.81 -12.77
C GLY A 266 6.73 4.31 -12.88
N ALA A 267 5.69 3.66 -13.42
CA ALA A 267 5.77 2.23 -13.62
C ALA A 267 6.85 1.87 -14.63
N TYR A 268 6.92 2.63 -15.73
CA TYR A 268 7.97 2.37 -16.71
C TYR A 268 9.35 2.63 -16.11
N LEU A 269 9.49 3.68 -15.30
CA LEU A 269 10.78 3.96 -14.68
C LEU A 269 11.16 2.88 -13.68
N LEU A 270 10.18 2.34 -12.95
CA LEU A 270 10.47 1.23 -12.04
C LEU A 270 11.00 0.03 -12.81
N MET A 271 10.38 -0.29 -13.94
CA MET A 271 10.87 -1.40 -14.76
C MET A 271 12.28 -1.13 -15.25
N GLU A 272 12.60 0.12 -15.54
CA GLU A 272 13.91 0.43 -16.10
C GLU A 272 14.99 0.44 -15.03
N LEU A 273 14.69 0.96 -13.84
CA LEU A 273 15.73 1.27 -12.88
C LEU A 273 15.90 0.23 -11.78
N ALA A 274 14.89 -0.60 -11.50
CA ALA A 274 15.06 -1.65 -10.51
C ALA A 274 16.09 -2.67 -11.01
N LYS A 275 16.91 -3.17 -10.10
CA LYS A 275 17.94 -4.15 -10.44
CA LYS A 275 17.92 -4.14 -10.49
C LYS A 275 17.42 -5.58 -10.47
N SER A 276 16.15 -5.79 -10.14
CA SER A 276 15.58 -7.13 -10.06
CA SER A 276 15.60 -7.13 -10.05
C SER A 276 15.77 -7.88 -11.36
N GLN A 277 16.13 -9.15 -11.24
CA GLN A 277 16.23 -10.02 -12.42
C GLN A 277 14.89 -10.60 -12.82
N ASP A 278 13.86 -10.49 -11.99
CA ASP A 278 12.54 -11.06 -12.28
C ASP A 278 11.52 -9.93 -12.14
N LYS A 279 11.27 -9.23 -13.24
CA LYS A 279 10.34 -8.10 -13.22
C LYS A 279 9.44 -8.12 -14.45
N THR A 280 8.15 -7.92 -14.21
CA THR A 280 7.11 -8.03 -15.22
C THR A 280 6.16 -6.86 -15.04
N LEU A 281 5.80 -6.23 -16.15
CA LEU A 281 4.86 -5.13 -16.19
C LEU A 281 3.66 -5.52 -17.04
N LYS A 282 2.47 -5.28 -16.52
CA LYS A 282 1.25 -5.39 -17.32
C LYS A 282 0.55 -4.04 -17.30
N ILE A 283 0.26 -3.51 -18.49
CA ILE A 283 -0.44 -2.25 -18.65
C ILE A 283 -1.89 -2.54 -19.00
N TYR A 284 -2.81 -1.93 -18.26
CA TYR A 284 -4.24 -2.04 -18.54
C TYR A 284 -4.69 -0.79 -19.29
N GLU A 285 -4.99 -0.97 -20.57
CA GLU A 285 -5.24 0.16 -21.46
C GLU A 285 -6.57 0.82 -21.11
N GLY A 286 -6.52 2.11 -20.80
CA GLY A 286 -7.70 2.87 -20.44
C GLY A 286 -8.06 2.82 -18.97
N ALA A 287 -7.42 1.95 -18.18
CA ALA A 287 -7.85 1.74 -16.81
C ALA A 287 -7.37 2.87 -15.91
N TYR A 288 -8.13 3.12 -14.86
CA TYR A 288 -7.82 4.14 -13.87
C TYR A 288 -6.92 3.55 -12.78
N HIS A 289 -6.95 4.13 -11.58
CA HIS A 289 -5.93 3.88 -10.57
C HIS A 289 -6.13 2.54 -9.85
N VAL A 290 -7.35 2.25 -9.39
CA VAL A 290 -7.56 1.13 -8.46
C VAL A 290 -7.90 -0.09 -9.30
N LEU A 291 -6.83 -0.75 -9.80
CA LEU A 291 -7.02 -1.83 -10.78
C LEU A 291 -7.76 -3.03 -10.22
N HIS A 292 -7.60 -3.31 -8.91
CA HIS A 292 -8.32 -4.41 -8.29
C HIS A 292 -9.77 -4.06 -7.95
N LYS A 293 -10.21 -2.85 -8.30
CA LYS A 293 -11.59 -2.40 -8.13
C LYS A 293 -12.01 -1.61 -9.35
N GLU A 294 -11.67 -2.12 -10.52
CA GLU A 294 -11.92 -1.46 -11.78
C GLU A 294 -13.12 -2.12 -12.49
N LEU A 295 -13.26 -1.91 -13.79
CA LEU A 295 -14.28 -2.61 -14.53
C LEU A 295 -14.01 -4.11 -14.42
N PRO A 296 -15.07 -4.93 -14.48
CA PRO A 296 -14.89 -6.37 -14.23
C PRO A 296 -13.84 -7.04 -15.10
N GLU A 297 -13.77 -6.69 -16.38
CA GLU A 297 -12.75 -7.28 -17.25
C GLU A 297 -11.35 -7.02 -16.72
N VAL A 298 -11.12 -5.83 -16.17
CA VAL A 298 -9.81 -5.49 -15.62
C VAL A 298 -9.58 -6.21 -14.32
N THR A 299 -10.53 -6.10 -13.39
CA THR A 299 -10.38 -6.70 -12.08
C THR A 299 -10.20 -8.21 -12.18
N ASN A 300 -10.96 -8.86 -13.05
CA ASN A 300 -10.81 -10.31 -13.21
C ASN A 300 -9.41 -10.65 -13.69
N SER A 301 -8.88 -9.89 -14.65
CA SER A 301 -7.51 -10.11 -15.11
C SER A 301 -6.51 -9.88 -14.00
N VAL A 302 -6.67 -8.79 -13.25
CA VAL A 302 -5.78 -8.48 -12.14
C VAL A 302 -5.71 -9.64 -11.16
N PHE A 303 -6.87 -10.15 -10.72
CA PHE A 303 -6.89 -11.27 -9.79
C PHE A 303 -6.21 -12.48 -10.39
N HIS A 304 -6.50 -12.78 -11.67
CA HIS A 304 -5.92 -13.93 -12.33
C HIS A 304 -4.40 -13.80 -12.43
N GLU A 305 -3.91 -12.62 -12.80
CA GLU A 305 -2.47 -12.44 -12.97
C GLU A 305 -1.73 -12.54 -11.64
N ILE A 306 -2.30 -11.99 -10.57
CA ILE A 306 -1.66 -12.10 -9.26
C ILE A 306 -1.65 -13.56 -8.81
N ASN A 307 -2.79 -14.24 -8.98
CA ASN A 307 -2.88 -15.66 -8.64
C ASN A 307 -1.76 -16.44 -9.30
N MET A 308 -1.62 -16.29 -10.62
CA MET A 308 -0.63 -17.07 -11.36
C MET A 308 0.78 -16.71 -10.96
N TRP A 309 1.05 -15.40 -10.78
CA TRP A 309 2.41 -14.96 -10.49
C TRP A 309 2.85 -15.45 -9.11
N VAL A 310 1.97 -15.34 -8.12
CA VAL A 310 2.31 -15.80 -6.77
C VAL A 310 2.40 -17.32 -6.73
N SER A 311 1.50 -18.01 -7.45
CA SER A 311 1.53 -19.45 -7.48
C SER A 311 2.86 -19.96 -8.00
N GLN A 312 3.32 -19.42 -9.14
CA GLN A 312 4.57 -19.87 -9.74
C GLN A 312 5.74 -19.69 -8.80
N ARG A 313 5.69 -18.67 -7.95
CA ARG A 313 6.84 -18.35 -7.11
C ARG A 313 6.72 -18.93 -5.71
N THR A 314 5.61 -19.56 -5.39
CA THR A 314 5.53 -20.31 -4.15
C THR A 314 5.84 -21.79 -4.38
N ALA A 315 5.57 -22.29 -5.57
CA ALA A 315 6.00 -23.62 -5.97
C ALA A 315 7.50 -23.63 -6.22
N1 A1IIH B . -4.55 14.04 -6.47
C7 A1IIH B . -5.23 15.47 -12.75
C8 A1IIH B . -5.27 14.78 -11.55
N2 A1IIH B . -3.01 7.39 -2.93
C9 A1IIH B . -5.57 15.69 -10.55
O1 A1IIH B . -2.21 13.51 -4.81
C1 A1IIH B . -6.14 20.42 -13.45
C5 A1IIH B . -5.65 17.93 -13.30
C6 A1IIH B . -5.51 16.80 -12.47
N3 A1IIH B . -4.40 5.56 -2.81
C4 A1IIH B . -5.97 19.17 -12.80
O4 A1IIH B . -8.69 2.22 -3.44
C3 A1IIH B . -6.49 20.65 -11.24
O3 A1IIH B . -8.44 3.94 -2.01
C2 A1IIH B . -6.47 21.32 -12.47
N4 A1IIH B . -6.93 3.69 -3.61
N A1IIH B . -6.17 19.34 -11.44
C A1IIH B . -5.96 20.68 -14.92
O A1IIH B . -6.73 13.56 -6.67
B A1IIH B . -6.04 18.24 -10.36
C10 A1IIH B . -5.75 15.44 -9.09
C11 A1IIH B . -5.52 14.02 -8.67
C12 A1IIH B . -5.66 13.85 -7.18
C13 A1IIH B . -4.53 13.92 -5.02
C14 A1IIH B . -3.24 14.43 -4.45
C15 A1IIH B . -0.96 13.74 -4.30
C16 A1IIH B . -0.66 14.81 -3.48
C17 A1IIH B . 0.64 14.96 -3.00
C18 A1IIH B . 1.61 14.04 -3.33
C19 A1IIH B . 1.30 12.97 -4.15
C20 A1IIH B . 0.02 12.80 -4.65
C21 A1IIH B . -0.34 11.59 -5.48
C22 A1IIH B . -0.68 10.37 -4.62
C23 A1IIH B . -1.11 9.05 -5.29
C24 A1IIH B . -2.03 8.87 -4.07
C25 A1IIH B . -2.05 10.39 -3.91
C26 A1IIH B . -3.34 8.05 -4.20
C27 A1IIH B . -1.65 7.95 -2.89
C28 A1IIH B . -3.24 6.14 -2.46
C29 A1IIH B . -4.98 4.41 -2.13
C30 A1IIH B . -6.33 4.75 -2.80
C31 A1IIH B . -7.51 5.04 -1.85
C32 A1IIH B . -8.07 3.20 -3.10
C33 A1IIH B . -5.66 5.99 -3.44
C34 A1IIH B . -6.81 21.20 -9.89
F A1IIH B . -4.99 18.56 -9.50
F1 A1IIH B . -7.21 18.12 -9.64
N5 A1IIH B . -5.71 16.92 -11.11
O2 A1IIH B . -2.43 5.56 -1.75
C1 EDO C . -11.62 7.54 8.79
O1 EDO C . -11.39 8.93 8.95
C2 EDO C . -10.54 6.75 9.49
O2 EDO C . -10.75 6.76 10.88
C1 EDO D . -0.20 9.16 -17.61
O1 EDO D . 0.05 10.27 -16.78
C2 EDO D . -1.28 8.30 -17.02
O2 EDO D . -0.82 7.66 -15.84
C1 EDO E . -13.32 13.50 -3.39
O1 EDO E . -13.83 12.89 -4.55
C2 EDO E . -13.70 12.65 -2.20
O2 EDO E . -15.00 12.14 -2.40
C1 EDO F . -1.79 -14.09 14.10
O1 EDO F . -1.65 -14.06 15.50
C2 EDO F . -0.88 -15.14 13.53
O2 EDO F . -1.10 -16.37 14.20
C1 EDO G . -14.22 -5.82 -6.54
O1 EDO G . -13.90 -5.02 -5.42
C2 EDO G . -13.29 -7.01 -6.57
O2 EDO G . -12.70 -7.18 -5.31
C1 EDO H . -5.00 -11.10 -20.05
O1 EDO H . -5.34 -9.73 -19.99
C2 EDO H . -5.67 -11.88 -18.95
O2 EDO H . -5.13 -11.46 -17.72
C1 EDO I . -20.66 8.48 -9.68
O1 EDO I . -19.91 7.41 -9.15
C2 EDO I . -21.90 8.71 -8.84
O2 EDO I . -22.65 7.52 -8.75
C1 EDO J . 1.42 -10.39 15.56
O1 EDO J . 0.59 -11.35 16.18
C2 EDO J . 1.98 -10.98 14.29
O2 EDO J . 2.71 -12.16 14.58
#